data_2ME4
#
_entry.id   2ME4
#
_entity_poly.entity_id   1
_entity_poly.type   'polypeptide(L)'
_entity_poly.pdbx_seq_one_letter_code
;EKDLLALDKWNSLWSWFDITKWLWYIK
;
_entity_poly.pdbx_strand_id   A
#
# COMPACT_ATOMS: atom_id res chain seq x y z
N GLU A 1 -17.03 2.83 13.09
CA GLU A 1 -16.17 4.04 12.91
C GLU A 1 -15.26 3.86 11.69
N LYS A 2 -15.76 4.14 10.52
CA LYS A 2 -14.93 3.98 9.30
C LYS A 2 -13.74 4.94 9.34
N ASP A 3 -12.55 4.43 9.47
CA ASP A 3 -11.34 5.30 9.53
C ASP A 3 -10.62 5.29 8.18
N LEU A 4 -10.33 6.45 7.64
CA LEU A 4 -9.62 6.51 6.33
C LEU A 4 -8.12 6.24 6.53
N LEU A 5 -7.65 6.40 7.74
CA LEU A 5 -6.20 6.16 8.02
C LEU A 5 -5.99 4.79 8.66
N ALA A 6 -7.05 4.07 8.86
CA ALA A 6 -6.95 2.73 9.47
C ALA A 6 -6.09 1.82 8.59
N LEU A 7 -4.81 1.81 8.85
CA LEU A 7 -3.88 0.97 8.03
C LEU A 7 -4.40 -0.47 7.93
N ASP A 8 -5.18 -0.90 8.89
CA ASP A 8 -5.73 -2.29 8.84
C ASP A 8 -6.56 -2.47 7.57
N LYS A 9 -7.08 -1.40 7.02
CA LYS A 9 -7.89 -1.50 5.78
C LYS A 9 -7.05 -1.13 4.56
N TRP A 10 -5.94 -0.48 4.76
CA TRP A 10 -5.07 -0.11 3.61
C TRP A 10 -4.34 -1.35 3.09
N ASN A 11 -4.14 -2.33 3.91
CA ASN A 11 -3.42 -3.58 3.47
C ASN A 11 -3.89 -4.04 2.09
N SER A 12 -5.14 -3.83 1.77
CA SER A 12 -5.64 -4.26 0.43
C SER A 12 -5.12 -3.34 -0.67
N LEU A 13 -4.97 -2.08 -0.39
CA LEU A 13 -4.43 -1.13 -1.42
C LEU A 13 -2.94 -1.42 -1.63
N TRP A 14 -2.27 -1.95 -0.64
CA TRP A 14 -0.81 -2.24 -0.77
C TRP A 14 -0.57 -3.48 -1.63
N SER A 15 -1.58 -4.28 -1.88
CA SER A 15 -1.35 -5.52 -2.68
C SER A 15 -1.33 -5.23 -4.19
N TRP A 16 -2.02 -4.22 -4.64
CA TRP A 16 -1.98 -3.92 -6.11
C TRP A 16 -1.26 -2.59 -6.36
N PHE A 17 -1.29 -1.70 -5.41
CA PHE A 17 -0.59 -0.39 -5.59
C PHE A 17 0.78 -0.44 -4.93
N ASP A 18 1.46 -1.52 -5.11
CA ASP A 18 2.83 -1.67 -4.50
C ASP A 18 3.90 -1.14 -5.46
N ILE A 19 4.38 0.05 -5.22
CA ILE A 19 5.42 0.62 -6.11
C ILE A 19 6.82 0.17 -5.67
N THR A 20 6.96 -0.25 -4.45
CA THR A 20 8.31 -0.72 -3.98
C THR A 20 8.86 -1.73 -4.99
N LYS A 21 8.00 -2.53 -5.57
CA LYS A 21 8.45 -3.52 -6.60
C LYS A 21 9.06 -2.76 -7.77
N TRP A 22 8.67 -1.52 -7.90
CA TRP A 22 9.20 -0.65 -8.98
C TRP A 22 10.50 -0.01 -8.53
N LEU A 23 10.50 0.45 -7.32
CA LEU A 23 11.68 1.13 -6.77
C LEU A 23 12.78 0.15 -6.38
N TRP A 24 12.44 -1.09 -6.14
CA TRP A 24 13.45 -2.09 -5.78
C TRP A 24 14.47 -2.23 -6.92
N TYR A 25 14.07 -1.92 -8.12
CA TYR A 25 15.00 -2.03 -9.28
C TYR A 25 15.94 -0.82 -9.31
N ILE A 26 15.50 0.27 -8.76
CA ILE A 26 16.35 1.50 -8.74
C ILE A 26 16.86 1.75 -7.31
N LYS A 27 15.96 2.12 -6.44
CA LYS A 27 16.36 2.39 -5.04
C LYS A 27 16.73 1.09 -4.33
N GLU A 1 -14.96 0.54 13.46
CA GLU A 1 -13.47 0.54 13.35
C GLU A 1 -13.05 0.68 11.89
N LYS A 2 -13.72 1.52 11.15
CA LYS A 2 -13.36 1.71 9.71
C LYS A 2 -12.99 3.18 9.45
N ASP A 3 -11.76 3.55 9.70
CA ASP A 3 -11.34 4.96 9.46
C ASP A 3 -10.55 5.06 8.16
N LEU A 4 -10.61 6.19 7.51
CA LEU A 4 -9.87 6.37 6.24
C LEU A 4 -8.36 6.17 6.47
N LEU A 5 -7.94 6.33 7.69
CA LEU A 5 -6.49 6.15 8.01
C LEU A 5 -6.25 4.78 8.66
N ALA A 6 -7.28 4.03 8.85
CA ALA A 6 -7.15 2.69 9.47
C ALA A 6 -6.24 1.82 8.61
N LEU A 7 -4.97 1.84 8.89
CA LEU A 7 -4.00 1.02 8.10
C LEU A 7 -4.48 -0.44 7.99
N ASP A 8 -5.27 -0.88 8.93
CA ASP A 8 -5.77 -2.28 8.87
C ASP A 8 -6.59 -2.48 7.59
N LYS A 9 -7.12 -1.42 7.05
CA LYS A 9 -7.93 -1.54 5.79
C LYS A 9 -7.09 -1.18 4.57
N TRP A 10 -5.98 -0.50 4.79
CA TRP A 10 -5.11 -0.12 3.63
C TRP A 10 -4.37 -1.35 3.10
N ASN A 11 -4.17 -2.35 3.93
CA ASN A 11 -3.44 -3.57 3.49
C ASN A 11 -3.89 -4.02 2.09
N SER A 12 -5.14 -3.82 1.76
CA SER A 12 -5.63 -4.25 0.41
C SER A 12 -5.10 -3.32 -0.67
N LEU A 13 -4.93 -2.06 -0.37
CA LEU A 13 -4.40 -1.12 -1.39
C LEU A 13 -2.90 -1.40 -1.62
N TRP A 14 -2.24 -1.94 -0.64
CA TRP A 14 -0.79 -2.23 -0.79
C TRP A 14 -0.54 -3.48 -1.65
N SER A 15 -1.55 -4.28 -1.88
CA SER A 15 -1.34 -5.52 -2.69
C SER A 15 -1.32 -5.24 -4.20
N TRP A 16 -2.04 -4.24 -4.66
CA TRP A 16 -2.02 -3.95 -6.12
C TRP A 16 -1.30 -2.62 -6.40
N PHE A 17 -1.25 -1.74 -5.44
CA PHE A 17 -0.56 -0.43 -5.66
C PHE A 17 0.86 -0.50 -5.11
N ASP A 18 1.52 -1.58 -5.35
CA ASP A 18 2.92 -1.74 -4.86
C ASP A 18 3.91 -1.45 -5.99
N ILE A 19 4.38 -0.24 -6.08
CA ILE A 19 5.34 0.10 -7.17
C ILE A 19 6.77 -0.24 -6.75
N THR A 20 7.04 -0.34 -5.49
CA THR A 20 8.43 -0.68 -5.04
C THR A 20 8.91 -1.92 -5.81
N LYS A 21 8.00 -2.81 -6.12
CA LYS A 21 8.38 -4.03 -6.91
C LYS A 21 8.88 -3.58 -8.28
N TRP A 22 8.46 -2.42 -8.67
CA TRP A 22 8.87 -1.83 -9.98
C TRP A 22 10.19 -1.12 -9.82
N LEU A 23 10.30 -0.37 -8.76
CA LEU A 23 11.52 0.42 -8.51
C LEU A 23 12.67 -0.45 -8.01
N TRP A 24 12.37 -1.60 -7.46
CA TRP A 24 13.44 -2.48 -6.97
C TRP A 24 14.33 -2.92 -8.14
N TYR A 25 13.80 -2.90 -9.33
CA TYR A 25 14.61 -3.30 -10.52
C TYR A 25 15.50 -2.15 -10.96
N ILE A 26 15.08 -0.95 -10.69
CA ILE A 26 15.89 0.24 -11.08
C ILE A 26 16.54 0.84 -9.84
N LYS A 27 15.76 1.41 -8.98
CA LYS A 27 16.30 2.03 -7.75
C LYS A 27 16.80 0.94 -6.79
N GLU A 1 -18.94 5.56 11.97
CA GLU A 1 -17.97 6.17 11.02
C GLU A 1 -16.69 5.33 10.96
N LYS A 2 -16.28 4.96 9.77
CA LYS A 2 -15.04 4.13 9.64
C LYS A 2 -13.81 5.04 9.66
N ASP A 3 -12.64 4.45 9.73
CA ASP A 3 -11.40 5.28 9.75
C ASP A 3 -10.72 5.25 8.37
N LEU A 4 -10.42 6.40 7.83
CA LEU A 4 -9.76 6.45 6.50
C LEU A 4 -8.25 6.20 6.64
N LEU A 5 -7.74 6.39 7.82
CA LEU A 5 -6.28 6.17 8.05
C LEU A 5 -6.04 4.80 8.69
N ALA A 6 -7.09 4.07 8.92
CA ALA A 6 -6.96 2.73 9.54
C ALA A 6 -6.10 1.83 8.64
N LEU A 7 -4.83 1.83 8.86
CA LEU A 7 -3.91 0.99 8.02
C LEU A 7 -4.42 -0.46 7.94
N ASP A 8 -5.18 -0.88 8.91
CA ASP A 8 -5.72 -2.27 8.88
C ASP A 8 -6.54 -2.49 7.61
N LYS A 9 -7.08 -1.44 7.05
CA LYS A 9 -7.89 -1.56 5.81
C LYS A 9 -7.05 -1.19 4.59
N TRP A 10 -5.95 -0.51 4.78
CA TRP A 10 -5.09 -0.13 3.63
C TRP A 10 -4.36 -1.35 3.09
N ASN A 11 -4.15 -2.35 3.92
CA ASN A 11 -3.42 -3.58 3.46
C ASN A 11 -3.88 -4.02 2.08
N SER A 12 -5.14 -3.81 1.75
CA SER A 12 -5.63 -4.25 0.41
C SER A 12 -5.10 -3.32 -0.68
N LEU A 13 -4.95 -2.06 -0.38
CA LEU A 13 -4.43 -1.10 -1.40
C LEU A 13 -2.93 -1.38 -1.63
N TRP A 14 -2.27 -1.94 -0.65
CA TRP A 14 -0.81 -2.22 -0.80
C TRP A 14 -0.56 -3.47 -1.65
N SER A 15 -1.56 -4.28 -1.87
CA SER A 15 -1.34 -5.53 -2.67
C SER A 15 -1.31 -5.25 -4.18
N TRP A 16 -2.01 -4.24 -4.64
CA TRP A 16 -1.99 -3.95 -6.11
C TRP A 16 -1.29 -2.62 -6.37
N PHE A 17 -1.51 -1.64 -5.53
CA PHE A 17 -0.84 -0.32 -5.72
C PHE A 17 0.39 -0.22 -4.84
N ASP A 18 1.14 -1.29 -4.78
CA ASP A 18 2.38 -1.30 -3.94
C ASP A 18 3.52 -0.60 -4.67
N ILE A 19 3.81 0.62 -4.32
CA ILE A 19 4.93 1.35 -4.99
C ILE A 19 6.27 1.03 -4.34
N THR A 20 6.27 0.57 -3.12
CA THR A 20 7.55 0.23 -2.44
C THR A 20 8.38 -0.66 -3.37
N LYS A 21 7.72 -1.49 -4.15
CA LYS A 21 8.46 -2.37 -5.11
C LYS A 21 9.18 -1.48 -6.12
N TRP A 22 8.68 -0.29 -6.27
CA TRP A 22 9.27 0.70 -7.21
C TRP A 22 10.39 1.45 -6.50
N LEU A 23 10.13 1.83 -5.29
CA LEU A 23 11.11 2.62 -4.52
C LEU A 23 12.24 1.74 -4.00
N TRP A 24 12.02 0.46 -3.88
CA TRP A 24 13.08 -0.44 -3.38
C TRP A 24 14.29 -0.39 -4.33
N TYR A 25 14.06 -0.05 -5.57
CA TYR A 25 15.18 0.04 -6.54
C TYR A 25 15.97 1.33 -6.34
N ILE A 26 15.33 2.31 -5.77
CA ILE A 26 16.03 3.62 -5.54
C ILE A 26 16.25 3.82 -4.04
N LYS A 27 15.20 3.99 -3.31
CA LYS A 27 15.32 4.19 -1.84
C LYS A 27 15.77 2.88 -1.17
N GLU A 1 -16.10 3.98 14.88
CA GLU A 1 -15.91 5.11 13.93
C GLU A 1 -15.02 4.68 12.76
N LYS A 2 -15.46 4.92 11.55
CA LYS A 2 -14.64 4.52 10.37
C LYS A 2 -13.31 5.30 10.36
N ASP A 3 -12.21 4.59 10.32
CA ASP A 3 -10.89 5.29 10.31
C ASP A 3 -10.30 5.30 8.90
N LEU A 4 -9.93 6.46 8.42
CA LEU A 4 -9.35 6.55 7.05
C LEU A 4 -7.86 6.21 7.08
N LEU A 5 -7.26 6.29 8.23
CA LEU A 5 -5.81 5.97 8.34
C LEU A 5 -5.61 4.57 8.92
N ALA A 6 -6.68 3.89 9.19
CA ALA A 6 -6.59 2.51 9.75
C ALA A 6 -5.83 1.62 8.77
N LEU A 7 -4.55 1.51 8.95
CA LEU A 7 -3.72 0.66 8.04
C LEU A 7 -4.33 -0.72 7.88
N ASP A 8 -5.09 -1.16 8.84
CA ASP A 8 -5.74 -2.51 8.74
C ASP A 8 -6.61 -2.57 7.49
N LYS A 9 -7.07 -1.43 7.02
CA LYS A 9 -7.92 -1.40 5.80
C LYS A 9 -7.09 -1.04 4.57
N TRP A 10 -5.92 -0.48 4.77
CA TRP A 10 -5.07 -0.11 3.61
C TRP A 10 -4.34 -1.35 3.08
N ASN A 11 -4.14 -2.33 3.91
CA ASN A 11 -3.42 -3.58 3.47
C ASN A 11 -3.89 -4.04 2.09
N SER A 12 -5.14 -3.83 1.77
CA SER A 12 -5.64 -4.27 0.43
C SER A 12 -5.12 -3.36 -0.68
N LEU A 13 -4.96 -2.08 -0.39
CA LEU A 13 -4.43 -1.15 -1.43
C LEU A 13 -2.94 -1.44 -1.65
N TRP A 14 -2.26 -1.93 -0.65
CA TRP A 14 -0.81 -2.22 -0.79
C TRP A 14 -0.58 -3.48 -1.65
N SER A 15 -1.59 -4.28 -1.87
CA SER A 15 -1.37 -5.53 -2.67
C SER A 15 -1.34 -5.23 -4.18
N TRP A 16 -2.02 -4.21 -4.63
CA TRP A 16 -1.97 -3.91 -6.10
C TRP A 16 -1.23 -2.59 -6.34
N PHE A 17 -1.28 -1.68 -5.39
CA PHE A 17 -0.57 -0.39 -5.56
C PHE A 17 0.78 -0.45 -4.85
N ASP A 18 1.45 -1.55 -4.99
CA ASP A 18 2.78 -1.70 -4.33
C ASP A 18 3.88 -1.03 -5.14
N ILE A 19 4.09 0.25 -4.92
CA ILE A 19 5.15 0.97 -5.68
C ILE A 19 6.51 0.80 -5.00
N THR A 20 6.53 0.50 -3.73
CA THR A 20 7.83 0.31 -3.02
C THR A 20 8.72 -0.64 -3.85
N LYS A 21 8.11 -1.60 -4.51
CA LYS A 21 8.89 -2.53 -5.38
C LYS A 21 9.57 -1.73 -6.49
N TRP A 22 9.01 -0.60 -6.77
CA TRP A 22 9.55 0.32 -7.80
C TRP A 22 10.62 1.20 -7.19
N LEU A 23 10.33 1.71 -6.04
CA LEU A 23 11.26 2.62 -5.36
C LEU A 23 12.44 1.88 -4.74
N TRP A 24 12.28 0.61 -4.46
CA TRP A 24 13.39 -0.17 -3.87
C TRP A 24 14.58 -0.16 -4.81
N TYR A 25 14.36 0.02 -6.08
CA TYR A 25 15.48 0.04 -7.05
C TYR A 25 16.20 1.39 -7.00
N ILE A 26 15.50 2.41 -6.59
CA ILE A 26 16.11 3.76 -6.49
C ILE A 26 16.32 4.15 -5.03
N LYS A 27 15.25 4.39 -4.34
CA LYS A 27 15.35 4.77 -2.90
C LYS A 27 15.80 3.56 -2.07
N GLU A 1 -17.72 0.73 9.48
CA GLU A 1 -17.41 2.03 8.83
C GLU A 1 -16.23 1.88 7.86
N LYS A 2 -16.11 2.77 6.91
CA LYS A 2 -14.98 2.67 5.94
C LYS A 2 -13.97 3.80 6.19
N ASP A 3 -13.19 3.67 7.24
CA ASP A 3 -12.18 4.73 7.55
C ASP A 3 -11.15 4.82 6.42
N LEU A 4 -10.87 6.01 5.97
CA LEU A 4 -9.87 6.17 4.86
C LEU A 4 -8.45 6.17 5.43
N LEU A 5 -8.32 6.39 6.70
CA LEU A 5 -6.96 6.41 7.31
C LEU A 5 -6.70 5.10 8.08
N ALA A 6 -7.68 4.25 8.13
CA ALA A 6 -7.52 2.96 8.85
C ALA A 6 -6.43 2.13 8.19
N LEU A 7 -5.20 2.31 8.60
CA LEU A 7 -4.07 1.55 7.99
C LEU A 7 -4.39 0.05 7.99
N ASP A 8 -5.21 -0.39 8.89
CA ASP A 8 -5.57 -1.85 8.92
C ASP A 8 -6.32 -2.23 7.65
N LYS A 9 -7.04 -1.31 7.07
CA LYS A 9 -7.79 -1.61 5.81
C LYS A 9 -6.94 -1.26 4.59
N TRP A 10 -5.92 -0.47 4.75
CA TRP A 10 -5.06 -0.11 3.60
C TRP A 10 -4.33 -1.35 3.07
N ASN A 11 -4.14 -2.34 3.91
CA ASN A 11 -3.42 -3.58 3.47
C ASN A 11 -3.89 -4.04 2.08
N SER A 12 -5.13 -3.83 1.77
CA SER A 12 -5.64 -4.27 0.43
C SER A 12 -5.11 -3.35 -0.67
N LEU A 13 -4.97 -2.08 -0.40
CA LEU A 13 -4.44 -1.14 -1.42
C LEU A 13 -2.95 -1.43 -1.64
N TRP A 14 -2.29 -1.95 -0.64
CA TRP A 14 -0.83 -2.24 -0.77
C TRP A 14 -0.58 -3.48 -1.63
N SER A 15 -1.58 -4.29 -1.87
CA SER A 15 -1.36 -5.52 -2.68
C SER A 15 -1.33 -5.22 -4.18
N TRP A 16 -2.02 -4.21 -4.64
CA TRP A 16 -1.97 -3.91 -6.10
C TRP A 16 -1.25 -2.57 -6.34
N PHE A 17 -1.31 -1.68 -5.39
CA PHE A 17 -0.62 -0.37 -5.55
C PHE A 17 0.74 -0.41 -4.85
N ASP A 18 1.43 -1.49 -5.00
CA ASP A 18 2.77 -1.64 -4.35
C ASP A 18 3.83 -0.90 -5.15
N ILE A 19 4.14 0.32 -4.79
CA ILE A 19 5.17 1.09 -5.53
C ILE A 19 6.57 0.77 -4.98
N THR A 20 6.67 0.30 -3.78
CA THR A 20 8.01 -0.04 -3.22
C THR A 20 8.78 -0.91 -4.23
N LYS A 21 8.07 -1.73 -4.97
CA LYS A 21 8.73 -2.58 -6.01
C LYS A 21 9.36 -1.66 -7.05
N TRP A 22 8.83 -0.47 -7.14
CA TRP A 22 9.33 0.55 -8.09
C TRP A 22 10.49 1.29 -7.47
N LEU A 23 10.33 1.65 -6.23
CA LEU A 23 11.36 2.44 -5.52
C LEU A 23 12.54 1.56 -5.11
N TRP A 24 12.34 0.27 -5.00
CA TRP A 24 13.45 -0.62 -4.61
C TRP A 24 14.57 -0.54 -5.64
N TYR A 25 14.24 -0.18 -6.86
CA TYR A 25 15.28 -0.07 -7.92
C TYR A 25 16.07 1.24 -7.75
N ILE A 26 15.45 2.21 -7.14
CA ILE A 26 16.15 3.52 -6.92
C ILE A 26 16.47 3.70 -5.45
N LYS A 27 15.48 3.86 -4.64
CA LYS A 27 15.71 4.04 -3.18
C LYS A 27 16.20 2.72 -2.55
N GLU A 1 -14.25 0.77 10.46
CA GLU A 1 -15.43 0.48 9.59
C GLU A 1 -15.41 1.41 8.37
N LYS A 2 -15.29 2.69 8.60
CA LYS A 2 -15.27 3.66 7.45
C LYS A 2 -14.16 4.68 7.65
N ASP A 3 -13.02 4.25 8.10
CA ASP A 3 -11.89 5.20 8.31
C ASP A 3 -10.97 5.21 7.10
N LEU A 4 -10.66 6.38 6.58
CA LEU A 4 -9.75 6.45 5.39
C LEU A 4 -8.30 6.31 5.82
N LEU A 5 -8.01 6.48 7.08
CA LEU A 5 -6.62 6.35 7.57
C LEU A 5 -6.42 5.02 8.29
N ALA A 6 -7.45 4.25 8.39
CA ALA A 6 -7.35 2.93 9.07
C ALA A 6 -6.36 2.04 8.33
N LEU A 7 -5.11 2.13 8.69
CA LEU A 7 -4.06 1.29 8.01
C LEU A 7 -4.47 -0.17 7.99
N ASP A 8 -5.30 -0.58 8.92
CA ASP A 8 -5.75 -2.00 8.94
C ASP A 8 -6.50 -2.34 7.65
N LYS A 9 -7.11 -1.36 7.04
CA LYS A 9 -7.86 -1.61 5.79
C LYS A 9 -7.01 -1.25 4.57
N TRP A 10 -5.97 -0.49 4.76
CA TRP A 10 -5.09 -0.11 3.62
C TRP A 10 -4.36 -1.35 3.09
N ASN A 11 -4.15 -2.34 3.92
CA ASN A 11 -3.42 -3.57 3.48
C ASN A 11 -3.88 -4.03 2.09
N SER A 12 -5.13 -3.83 1.76
CA SER A 12 -5.62 -4.26 0.42
C SER A 12 -5.10 -3.33 -0.68
N LEU A 13 -4.95 -2.06 -0.39
CA LEU A 13 -4.42 -1.12 -1.40
C LEU A 13 -2.92 -1.40 -1.62
N TRP A 14 -2.27 -1.95 -0.64
CA TRP A 14 -0.81 -2.24 -0.79
C TRP A 14 -0.56 -3.49 -1.64
N SER A 15 -1.56 -4.29 -1.88
CA SER A 15 -1.34 -5.53 -2.68
C SER A 15 -1.32 -5.24 -4.19
N TRP A 16 -2.03 -4.23 -4.65
CA TRP A 16 -2.00 -3.93 -6.11
C TRP A 16 -1.29 -2.60 -6.36
N PHE A 17 -1.40 -1.67 -5.44
CA PHE A 17 -0.72 -0.35 -5.63
C PHE A 17 0.62 -0.35 -4.89
N ASP A 18 1.33 -1.42 -4.99
CA ASP A 18 2.66 -1.51 -4.30
C ASP A 18 3.75 -0.88 -5.17
N ILE A 19 4.18 0.29 -4.83
CA ILE A 19 5.25 0.95 -5.64
C ILE A 19 6.64 0.51 -5.18
N THR A 20 6.76 0.01 -3.99
CA THR A 20 8.11 -0.45 -3.51
C THR A 20 8.72 -1.38 -4.57
N LYS A 21 7.90 -2.15 -5.25
CA LYS A 21 8.41 -3.04 -6.33
C LYS A 21 9.04 -2.18 -7.42
N TRP A 22 8.62 -0.95 -7.47
CA TRP A 22 9.14 0.02 -8.47
C TRP A 22 10.41 0.66 -7.93
N LEU A 23 10.36 1.03 -6.68
CA LEU A 23 11.50 1.72 -6.04
C LEU A 23 12.62 0.74 -5.71
N TRP A 24 12.31 -0.53 -5.58
CA TRP A 24 13.36 -1.52 -5.26
C TRP A 24 14.41 -1.53 -6.37
N TYR A 25 14.04 -1.14 -7.56
CA TYR A 25 15.02 -1.12 -8.69
C TYR A 25 15.91 0.10 -8.59
N ILE A 26 15.43 1.14 -7.94
CA ILE A 26 16.24 2.38 -7.80
C ILE A 26 16.70 2.52 -6.34
N LYS A 27 15.78 2.79 -5.48
CA LYS A 27 16.13 2.95 -4.03
C LYS A 27 16.52 1.60 -3.43
N GLU A 1 -19.24 1.39 10.45
CA GLU A 1 -18.03 2.17 10.80
C GLU A 1 -16.95 1.98 9.71
N LYS A 2 -16.23 3.01 9.38
CA LYS A 2 -15.18 2.89 8.34
C LYS A 2 -14.23 4.09 8.41
N ASP A 3 -12.98 3.87 8.72
CA ASP A 3 -12.00 4.99 8.79
C ASP A 3 -11.13 5.03 7.54
N LEU A 4 -11.01 6.17 6.93
CA LEU A 4 -10.16 6.27 5.70
C LEU A 4 -8.68 6.16 6.06
N LEU A 5 -8.36 6.36 7.31
CA LEU A 5 -6.93 6.27 7.74
C LEU A 5 -6.65 4.94 8.44
N ALA A 6 -7.66 4.14 8.59
CA ALA A 6 -7.48 2.82 9.26
C ALA A 6 -6.47 1.98 8.48
N LEU A 7 -5.22 2.09 8.81
CA LEU A 7 -4.17 1.31 8.09
C LEU A 7 -4.55 -0.18 8.03
N ASP A 8 -5.34 -0.63 8.97
CA ASP A 8 -5.75 -2.06 8.95
C ASP A 8 -6.54 -2.37 7.68
N LYS A 9 -7.12 -1.38 7.07
CA LYS A 9 -7.89 -1.61 5.81
C LYS A 9 -7.04 -1.25 4.59
N TRP A 10 -6.00 -0.50 4.78
CA TRP A 10 -5.13 -0.11 3.63
C TRP A 10 -4.38 -1.34 3.10
N ASN A 11 -4.17 -2.33 3.93
CA ASN A 11 -3.43 -3.56 3.50
C ASN A 11 -3.89 -4.02 2.10
N SER A 12 -5.14 -3.82 1.76
CA SER A 12 -5.62 -4.26 0.42
C SER A 12 -5.09 -3.32 -0.67
N LEU A 13 -4.93 -2.07 -0.37
CA LEU A 13 -4.40 -1.12 -1.39
C LEU A 13 -2.90 -1.40 -1.62
N TRP A 14 -2.24 -1.95 -0.64
CA TRP A 14 -0.79 -2.25 -0.79
C TRP A 14 -0.55 -3.49 -1.66
N SER A 15 -1.55 -4.29 -1.90
CA SER A 15 -1.34 -5.54 -2.69
C SER A 15 -1.33 -5.24 -4.21
N TRP A 16 -2.04 -4.24 -4.66
CA TRP A 16 -2.02 -3.93 -6.12
C TRP A 16 -1.30 -2.60 -6.39
N PHE A 17 -1.31 -1.71 -5.44
CA PHE A 17 -0.63 -0.39 -5.63
C PHE A 17 0.76 -0.44 -5.01
N ASP A 18 1.45 -1.52 -5.21
CA ASP A 18 2.82 -1.66 -4.63
C ASP A 18 3.86 -1.09 -5.62
N ILE A 19 4.39 0.07 -5.32
CA ILE A 19 5.40 0.67 -6.24
C ILE A 19 6.80 0.15 -5.92
N THR A 20 7.02 -0.33 -4.74
CA THR A 20 8.38 -0.87 -4.40
C THR A 20 8.82 -1.85 -5.50
N LYS A 21 7.88 -2.55 -6.08
CA LYS A 21 8.21 -3.49 -7.19
C LYS A 21 8.78 -2.69 -8.36
N TRP A 22 8.41 -1.44 -8.40
CA TRP A 22 8.89 -0.52 -9.46
C TRP A 22 10.25 0.03 -9.08
N LEU A 23 10.37 0.42 -7.85
CA LEU A 23 11.62 1.02 -7.36
C LEU A 23 12.70 -0.04 -7.15
N TRP A 24 12.33 -1.27 -6.95
CA TRP A 24 13.32 -2.33 -6.76
C TRP A 24 14.16 -2.47 -8.04
N TYR A 25 13.61 -2.06 -9.15
CA TYR A 25 14.35 -2.15 -10.43
C TYR A 25 15.20 -0.89 -10.64
N ILE A 26 14.73 0.24 -10.16
CA ILE A 26 15.50 1.50 -10.33
C ILE A 26 16.50 1.64 -9.20
N LYS A 27 16.23 1.01 -8.10
CA LYS A 27 17.13 1.14 -6.94
C LYS A 27 18.46 0.43 -7.23
N GLU A 1 -15.70 4.50 13.68
CA GLU A 1 -16.05 3.47 12.66
C GLU A 1 -15.64 3.94 11.26
N LYS A 2 -15.26 3.03 10.41
CA LYS A 2 -14.84 3.42 9.02
C LYS A 2 -13.77 4.52 9.08
N ASP A 3 -12.54 4.15 9.29
CA ASP A 3 -11.44 5.16 9.36
C ASP A 3 -10.65 5.17 8.06
N LEU A 4 -10.46 6.32 7.48
CA LEU A 4 -9.68 6.40 6.21
C LEU A 4 -8.20 6.18 6.48
N LEU A 5 -7.78 6.32 7.71
CA LEU A 5 -6.35 6.12 8.05
C LEU A 5 -6.13 4.75 8.69
N ALA A 6 -7.18 4.01 8.87
CA ALA A 6 -7.07 2.65 9.48
C ALA A 6 -6.15 1.77 8.62
N LEU A 7 -4.89 1.78 8.92
CA LEU A 7 -3.92 0.96 8.13
C LEU A 7 -4.41 -0.49 8.00
N ASP A 8 -5.20 -0.93 8.92
CA ASP A 8 -5.73 -2.33 8.84
C ASP A 8 -6.57 -2.50 7.57
N LYS A 9 -7.08 -1.42 7.04
CA LYS A 9 -7.90 -1.50 5.80
C LYS A 9 -7.05 -1.14 4.57
N TRP A 10 -5.93 -0.50 4.77
CA TRP A 10 -5.07 -0.12 3.62
C TRP A 10 -4.34 -1.36 3.09
N ASN A 11 -4.14 -2.36 3.91
CA ASN A 11 -3.43 -3.59 3.47
C ASN A 11 -3.90 -4.04 2.08
N SER A 12 -5.14 -3.82 1.75
CA SER A 12 -5.65 -4.25 0.41
C SER A 12 -5.12 -3.32 -0.68
N LEU A 13 -4.95 -2.06 -0.38
CA LEU A 13 -4.43 -1.12 -1.41
C LEU A 13 -2.93 -1.40 -1.63
N TRP A 14 -2.27 -1.92 -0.65
CA TRP A 14 -0.81 -2.21 -0.78
C TRP A 14 -0.56 -3.46 -1.64
N SER A 15 -1.56 -4.27 -1.86
CA SER A 15 -1.34 -5.52 -2.66
C SER A 15 -1.32 -5.24 -4.17
N TRP A 16 -2.02 -4.24 -4.64
CA TRP A 16 -2.00 -3.95 -6.10
C TRP A 16 -1.27 -2.63 -6.38
N PHE A 17 -1.27 -1.73 -5.43
CA PHE A 17 -0.58 -0.42 -5.64
C PHE A 17 0.81 -0.47 -5.02
N ASP A 18 1.49 -1.55 -5.23
CA ASP A 18 2.86 -1.70 -4.66
C ASP A 18 3.90 -1.16 -5.66
N ILE A 19 4.44 -0.01 -5.39
CA ILE A 19 5.46 0.57 -6.32
C ILE A 19 6.86 0.03 -6.00
N THR A 20 7.08 -0.43 -4.82
CA THR A 20 8.43 -0.99 -4.47
C THR A 20 8.86 -1.98 -5.57
N LYS A 21 7.92 -2.68 -6.13
CA LYS A 21 8.24 -3.63 -7.24
C LYS A 21 8.82 -2.84 -8.41
N TRP A 22 8.49 -1.59 -8.45
CA TRP A 22 8.97 -0.68 -9.52
C TRP A 22 10.34 -0.12 -9.12
N LEU A 23 10.44 0.27 -7.89
CA LEU A 23 11.70 0.88 -7.40
C LEU A 23 12.77 -0.18 -7.16
N TRP A 24 12.38 -1.41 -6.97
CA TRP A 24 13.39 -2.48 -6.74
C TRP A 24 14.31 -2.60 -7.95
N TYR A 25 13.83 -2.20 -9.10
CA TYR A 25 14.67 -2.28 -10.33
C TYR A 25 15.66 -1.12 -10.37
N ILE A 26 15.32 -0.03 -9.72
CA ILE A 26 16.23 1.15 -9.70
C ILE A 26 16.85 1.29 -8.31
N LYS A 27 16.06 1.65 -7.35
CA LYS A 27 16.57 1.81 -5.97
C LYS A 27 16.93 0.45 -5.38
N GLU A 1 -10.40 -0.63 12.73
CA GLU A 1 -11.55 0.30 12.47
C GLU A 1 -11.57 0.71 11.00
N LYS A 2 -12.42 1.64 10.64
CA LYS A 2 -12.48 2.08 9.23
C LYS A 2 -11.95 3.52 9.09
N ASP A 3 -10.84 3.79 9.71
CA ASP A 3 -10.26 5.18 9.63
C ASP A 3 -9.44 5.32 8.34
N LEU A 4 -9.34 6.52 7.82
CA LEU A 4 -8.55 6.72 6.57
C LEU A 4 -7.10 6.32 6.78
N LEU A 5 -6.67 6.28 8.01
CA LEU A 5 -5.27 5.89 8.31
C LEU A 5 -5.20 4.47 8.87
N ALA A 6 -6.33 3.85 9.01
CA ALA A 6 -6.36 2.45 9.55
C ALA A 6 -5.57 1.53 8.65
N LEU A 7 -4.31 1.37 8.93
CA LEU A 7 -3.44 0.49 8.08
C LEU A 7 -4.10 -0.87 7.89
N ASP A 8 -4.94 -1.28 8.80
CA ASP A 8 -5.63 -2.59 8.65
C ASP A 8 -6.50 -2.59 7.39
N LYS A 9 -6.88 -1.42 6.93
CA LYS A 9 -7.72 -1.32 5.70
C LYS A 9 -6.85 -1.00 4.49
N TRP A 10 -5.66 -0.52 4.70
CA TRP A 10 -4.76 -0.18 3.56
C TRP A 10 -4.15 -1.46 2.98
N ASN A 11 -4.01 -2.48 3.79
CA ASN A 11 -3.40 -3.76 3.30
C ASN A 11 -3.95 -4.14 1.92
N SER A 12 -5.21 -3.86 1.67
CA SER A 12 -5.79 -4.23 0.34
C SER A 12 -5.25 -3.31 -0.75
N LEU A 13 -5.09 -2.04 -0.46
CA LEU A 13 -4.55 -1.11 -1.49
C LEU A 13 -3.05 -1.36 -1.65
N TRP A 14 -2.40 -1.79 -0.61
CA TRP A 14 -0.93 -2.03 -0.68
C TRP A 14 -0.62 -3.32 -1.48
N SER A 15 -1.61 -4.15 -1.72
CA SER A 15 -1.32 -5.42 -2.46
C SER A 15 -1.28 -5.21 -3.98
N TRP A 16 -2.00 -4.26 -4.52
CA TRP A 16 -1.94 -4.06 -6.01
C TRP A 16 -1.25 -2.73 -6.35
N PHE A 17 -1.17 -1.82 -5.40
CA PHE A 17 -0.49 -0.51 -5.69
C PHE A 17 0.95 -0.56 -5.20
N ASP A 18 1.61 -1.64 -5.46
CA ASP A 18 3.02 -1.79 -5.04
C ASP A 18 3.97 -1.40 -6.18
N ILE A 19 4.37 -0.16 -6.23
CA ILE A 19 5.28 0.28 -7.33
C ILE A 19 6.74 0.00 -6.97
N THR A 20 7.04 -0.25 -5.73
CA THR A 20 8.45 -0.55 -5.35
C THR A 20 8.95 -1.69 -6.25
N LYS A 21 8.06 -2.61 -6.59
CA LYS A 21 8.44 -3.73 -7.50
C LYS A 21 8.88 -3.14 -8.84
N TRP A 22 8.42 -1.95 -9.09
CA TRP A 22 8.74 -1.23 -10.34
C TRP A 22 10.06 -0.49 -10.18
N LEU A 23 10.24 0.07 -9.03
CA LEU A 23 11.44 0.86 -8.76
C LEU A 23 12.58 -0.01 -8.25
N TRP A 24 12.27 -1.18 -7.76
CA TRP A 24 13.33 -2.08 -7.28
C TRP A 24 14.21 -2.50 -8.45
N TYR A 25 13.67 -2.49 -9.64
CA TYR A 25 14.47 -2.89 -10.84
C TYR A 25 15.38 -1.73 -11.26
N ILE A 26 14.89 -0.54 -11.12
CA ILE A 26 15.70 0.65 -11.51
C ILE A 26 16.40 1.22 -10.28
N LYS A 27 15.64 1.76 -9.38
CA LYS A 27 16.22 2.34 -8.13
C LYS A 27 16.75 1.22 -7.23
N GLU A 1 -15.18 2.19 12.02
CA GLU A 1 -14.96 0.97 11.19
C GLU A 1 -14.80 1.34 9.72
N LYS A 2 -13.91 0.69 9.01
CA LYS A 2 -13.71 1.01 7.57
C LYS A 2 -13.48 2.51 7.38
N ASP A 3 -12.38 3.02 7.87
CA ASP A 3 -12.09 4.47 7.72
C ASP A 3 -11.05 4.70 6.61
N LEU A 4 -11.10 5.83 5.96
CA LEU A 4 -10.13 6.11 4.87
C LEU A 4 -8.70 6.12 5.42
N LEU A 5 -8.56 6.33 6.71
CA LEU A 5 -7.20 6.35 7.32
C LEU A 5 -6.93 5.06 8.08
N ALA A 6 -7.89 4.19 8.11
CA ALA A 6 -7.72 2.89 8.82
C ALA A 6 -6.59 2.08 8.19
N LEU A 7 -5.39 2.31 8.63
CA LEU A 7 -4.22 1.57 8.06
C LEU A 7 -4.49 0.06 8.05
N ASP A 8 -5.33 -0.41 8.93
CA ASP A 8 -5.65 -1.86 8.96
C ASP A 8 -6.40 -2.25 7.68
N LYS A 9 -7.09 -1.33 7.08
CA LYS A 9 -7.85 -1.64 5.83
C LYS A 9 -7.01 -1.29 4.60
N TRP A 10 -5.99 -0.48 4.76
CA TRP A 10 -5.13 -0.11 3.61
C TRP A 10 -4.38 -1.34 3.09
N ASN A 11 -4.18 -2.33 3.92
CA ASN A 11 -3.44 -3.56 3.50
C ASN A 11 -3.89 -4.02 2.10
N SER A 12 -5.13 -3.83 1.76
CA SER A 12 -5.61 -4.27 0.42
C SER A 12 -5.09 -3.34 -0.67
N LEU A 13 -4.92 -2.07 -0.36
CA LEU A 13 -4.38 -1.12 -1.38
C LEU A 13 -2.90 -1.41 -1.62
N TRP A 14 -2.23 -1.96 -0.64
CA TRP A 14 -0.78 -2.25 -0.79
C TRP A 14 -0.54 -3.49 -1.65
N SER A 15 -1.55 -4.28 -1.88
CA SER A 15 -1.34 -5.52 -2.70
C SER A 15 -1.34 -5.23 -4.21
N TRP A 16 -2.04 -4.22 -4.66
CA TRP A 16 -2.03 -3.93 -6.13
C TRP A 16 -1.32 -2.60 -6.39
N PHE A 17 -1.28 -1.71 -5.43
CA PHE A 17 -0.60 -0.41 -5.64
C PHE A 17 0.81 -0.46 -5.06
N ASP A 18 1.49 -1.54 -5.31
CA ASP A 18 2.88 -1.69 -4.78
C ASP A 18 3.88 -1.14 -5.80
N ILE A 19 4.44 0.02 -5.52
CA ILE A 19 5.42 0.61 -6.48
C ILE A 19 6.83 0.07 -6.23
N THR A 20 7.08 -0.44 -5.07
CA THR A 20 8.45 -1.00 -4.79
C THR A 20 8.85 -1.95 -5.93
N LYS A 21 7.88 -2.66 -6.46
CA LYS A 21 8.16 -3.58 -7.61
C LYS A 21 8.69 -2.74 -8.78
N TRP A 22 8.34 -1.49 -8.78
CA TRP A 22 8.78 -0.55 -9.84
C TRP A 22 10.15 0.00 -9.49
N LEU A 23 10.31 0.36 -8.25
CA LEU A 23 11.57 0.96 -7.79
C LEU A 23 12.67 -0.09 -7.62
N TRP A 24 12.30 -1.33 -7.44
CA TRP A 24 13.31 -2.39 -7.28
C TRP A 24 14.19 -2.47 -8.54
N TYR A 25 13.67 -2.04 -9.66
CA TYR A 25 14.47 -2.08 -10.92
C TYR A 25 15.47 -0.92 -10.93
N ILE A 26 15.17 0.12 -10.21
CA ILE A 26 16.09 1.30 -10.17
C ILE A 26 16.77 1.38 -8.80
N LYS A 27 16.01 1.71 -7.81
CA LYS A 27 16.58 1.81 -6.44
C LYS A 27 16.93 0.41 -5.90
#